data_1IFV
#
_entry.id   1IFV
#
_cell.length_a   64.880
_cell.length_b   107.445
_cell.length_c   46.879
_cell.angle_alpha   90.00
_cell.angle_beta   90.00
_cell.angle_gamma   90.00
#
_symmetry.space_group_name_H-M   'P 21 21 2'
#
loop_
_entity.id
_entity.type
_entity.pdbx_description
1 polymer 'PROTEIN LLR18B'
2 water water
#
_entity_poly.entity_id   1
_entity_poly.type   'polypeptide(L)'
_entity_poly.pdbx_seq_one_letter_code
;GVFAFEDEHPSAVAQAKLFKALTKDSDDIIPKVIEQIQSVEIVEGNGGPGTVKKITASHGGHTSYVLHKIDAIDEASFEY
NYSIVGGTGLDESLEKITFESKLLSGPDGGSIGKIKVKFHTKGDVLSDAVREEAKARGTGLFKAVEGYVLANPNY
;
_entity_poly.pdbx_strand_id   A,B
#
# COMPACT_ATOMS: atom_id res chain seq x y z
N GLY A 1 25.61 -4.98 -22.54
CA GLY A 1 25.85 -5.68 -21.27
C GLY A 1 24.57 -6.01 -20.53
N VAL A 2 24.72 -6.67 -19.39
CA VAL A 2 23.60 -7.01 -18.50
C VAL A 2 23.97 -6.52 -17.08
N PHE A 3 23.27 -5.49 -16.62
CA PHE A 3 23.51 -4.89 -15.31
C PHE A 3 22.41 -5.32 -14.30
N ALA A 4 22.80 -6.07 -13.27
CA ALA A 4 21.91 -6.62 -12.22
C ALA A 4 22.04 -5.93 -10.88
N PHE A 5 20.89 -5.51 -10.34
CA PHE A 5 20.79 -4.85 -9.05
C PHE A 5 19.78 -5.64 -8.23
N GLU A 6 19.98 -5.69 -6.92
CA GLU A 6 19.11 -6.43 -6.00
C GLU A 6 18.67 -5.60 -4.77
N ASP A 7 17.41 -5.76 -4.36
CA ASP A 7 16.86 -5.11 -3.18
C ASP A 7 16.04 -6.17 -2.44
N GLU A 8 15.72 -5.88 -1.19
CA GLU A 8 14.88 -6.78 -0.42
C GLU A 8 13.83 -5.94 0.21
N HIS A 9 12.60 -6.43 0.20
CA HIS A 9 11.50 -5.70 0.77
C HIS A 9 10.78 -6.57 1.79
N PRO A 10 10.99 -6.30 3.09
CA PRO A 10 10.28 -7.13 4.06
C PRO A 10 8.81 -6.74 4.03
N SER A 11 7.94 -7.70 4.31
CA SER A 11 6.52 -7.48 4.27
C SER A 11 5.93 -8.36 5.36
N ALA A 12 4.77 -7.96 5.86
CA ALA A 12 4.07 -8.72 6.90
C ALA A 12 3.09 -9.70 6.31
N VAL A 13 2.96 -9.65 4.98
CA VAL A 13 2.06 -10.52 4.24
C VAL A 13 2.70 -11.88 3.99
N ALA A 14 1.94 -12.92 4.22
CA ALA A 14 2.39 -14.29 4.02
C ALA A 14 2.76 -14.52 2.55
N GLN A 15 3.78 -15.35 2.35
CA GLN A 15 4.27 -15.63 1.01
C GLN A 15 3.22 -16.07 0.02
N ALA A 16 2.47 -17.12 0.38
CA ALA A 16 1.43 -17.63 -0.49
C ALA A 16 0.40 -16.57 -0.88
N LYS A 17 0.04 -15.70 0.06
CA LYS A 17 -0.99 -14.70 -0.19
C LYS A 17 -0.46 -13.60 -1.12
N LEU A 18 0.75 -13.16 -0.87
CA LEU A 18 1.42 -12.12 -1.67
C LEU A 18 1.73 -12.69 -3.05
N PHE A 19 2.20 -13.94 -3.12
CA PHE A 19 2.48 -14.57 -4.40
C PHE A 19 1.24 -14.63 -5.28
N LYS A 20 0.11 -15.06 -4.72
CA LYS A 20 -1.14 -15.13 -5.50
C LYS A 20 -1.57 -13.74 -6.03
N ALA A 21 -1.46 -12.71 -5.19
CA ALA A 21 -1.83 -11.36 -5.59
C ALA A 21 -0.86 -10.90 -6.74
N LEU A 22 0.42 -11.19 -6.56
CA LEU A 22 1.46 -10.82 -7.53
C LEU A 22 1.25 -11.52 -8.87
N THR A 23 0.88 -12.78 -8.84
CA THR A 23 0.74 -13.51 -10.07
C THR A 23 -0.62 -13.77 -10.70
N LYS A 24 -1.70 -13.81 -9.93
CA LYS A 24 -3.01 -14.08 -10.56
C LYS A 24 -3.98 -12.95 -10.53
N ASP A 25 -3.82 -12.06 -9.55
CA ASP A 25 -4.71 -10.94 -9.36
C ASP A 25 -4.12 -9.55 -9.58
N SER A 26 -2.85 -9.48 -9.98
CA SER A 26 -2.29 -8.15 -10.16
C SER A 26 -2.90 -7.34 -11.27
N ASP A 27 -3.47 -7.97 -12.30
CA ASP A 27 -4.08 -7.22 -13.41
C ASP A 27 -5.27 -6.37 -12.93
N ASP A 28 -6.00 -6.83 -11.89
CA ASP A 28 -7.15 -6.08 -11.35
C ASP A 28 -6.70 -5.08 -10.30
N ILE A 29 -5.64 -5.40 -9.56
CA ILE A 29 -5.16 -4.52 -8.50
C ILE A 29 -4.42 -3.31 -8.98
N ILE A 30 -3.42 -3.52 -9.80
CA ILE A 30 -2.62 -2.39 -10.24
C ILE A 30 -3.37 -1.19 -10.77
N PRO A 31 -4.42 -1.38 -11.60
CA PRO A 31 -5.15 -0.21 -12.11
C PRO A 31 -5.96 0.49 -11.01
N LYS A 32 -6.45 -0.27 -10.02
CA LYS A 32 -7.19 0.28 -8.91
C LYS A 32 -6.29 1.19 -8.05
N VAL A 33 -5.13 0.68 -7.61
CA VAL A 33 -4.17 1.36 -6.74
C VAL A 33 -3.32 2.44 -7.38
N ILE A 34 -2.90 2.23 -8.63
CA ILE A 34 -2.11 3.25 -9.30
C ILE A 34 -3.02 4.11 -10.19
N GLU A 35 -3.11 5.39 -9.79
CA GLU A 35 -3.96 6.38 -10.48
C GLU A 35 -3.73 6.36 -11.98
N GLN A 36 -2.53 6.79 -12.38
CA GLN A 36 -2.09 6.81 -13.76
C GLN A 36 -2.41 5.56 -14.60
N ILE A 37 -2.12 4.36 -14.09
CA ILE A 37 -2.43 3.17 -14.88
C ILE A 37 -3.93 3.02 -15.15
N GLN A 38 -4.26 3.15 -16.43
CA GLN A 38 -5.64 3.08 -16.93
C GLN A 38 -6.15 1.66 -17.10
N SER A 39 -5.33 0.82 -17.73
CA SER A 39 -5.76 -0.58 -17.96
C SER A 39 -4.59 -1.52 -18.16
N VAL A 40 -4.92 -2.81 -18.07
CA VAL A 40 -3.96 -3.89 -18.27
C VAL A 40 -4.66 -4.85 -19.22
N GLU A 41 -4.14 -5.02 -20.43
CA GLU A 41 -4.79 -5.92 -21.36
C GLU A 41 -3.83 -7.01 -21.82
N ILE A 42 -4.32 -8.24 -21.96
CA ILE A 42 -3.47 -9.31 -22.46
C ILE A 42 -3.37 -9.29 -24.00
N VAL A 43 -2.15 -9.12 -24.50
CA VAL A 43 -1.95 -9.10 -25.92
C VAL A 43 -1.99 -10.52 -26.51
N GLU A 44 -1.42 -11.48 -25.79
CA GLU A 44 -1.36 -12.89 -26.18
C GLU A 44 -1.01 -13.75 -24.96
N GLY A 45 -1.72 -14.85 -24.78
CA GLY A 45 -1.44 -15.72 -23.65
C GLY A 45 -2.59 -16.00 -22.69
N ASN A 46 -2.42 -17.00 -21.83
CA ASN A 46 -3.43 -17.44 -20.86
C ASN A 46 -3.07 -17.14 -19.42
N GLY A 47 -2.15 -16.21 -19.22
CA GLY A 47 -1.79 -15.86 -17.86
C GLY A 47 -0.51 -16.50 -17.40
N GLY A 48 -0.10 -17.62 -18.03
CA GLY A 48 1.15 -18.26 -17.66
C GLY A 48 2.40 -17.74 -18.37
N PRO A 49 3.54 -18.46 -18.25
CA PRO A 49 4.81 -18.09 -18.88
C PRO A 49 4.61 -17.81 -20.37
N GLY A 50 5.22 -16.72 -20.85
CA GLY A 50 5.06 -16.34 -22.24
C GLY A 50 3.98 -15.28 -22.51
N THR A 51 3.02 -15.09 -21.63
CA THR A 51 1.96 -14.09 -21.80
C THR A 51 2.55 -12.71 -21.93
N VAL A 52 2.01 -11.97 -22.91
CA VAL A 52 2.39 -10.59 -23.21
C VAL A 52 1.18 -9.71 -22.85
N LYS A 53 1.46 -8.64 -22.09
CA LYS A 53 0.47 -7.68 -21.60
C LYS A 53 0.86 -6.25 -21.97
N LYS A 54 -0.16 -5.41 -22.19
CA LYS A 54 0.03 -4.00 -22.51
C LYS A 54 -0.55 -3.17 -21.34
N ILE A 55 0.29 -2.41 -20.69
CA ILE A 55 -0.15 -1.61 -19.56
C ILE A 55 -0.11 -0.15 -19.98
N THR A 56 -1.27 0.51 -19.97
CA THR A 56 -1.33 1.91 -20.38
C THR A 56 -1.50 2.93 -19.22
N ALA A 57 -0.54 3.83 -19.12
CA ALA A 57 -0.55 4.88 -18.10
C ALA A 57 -0.92 6.25 -18.69
N SER A 58 -2.00 6.83 -18.19
CA SER A 58 -2.43 8.15 -18.64
C SER A 58 -1.66 9.38 -18.12
N HIS A 59 -0.98 10.04 -19.06
CA HIS A 59 -0.18 11.24 -18.87
C HIS A 59 0.83 11.38 -20.03
N GLY A 60 1.94 12.08 -19.85
CA GLY A 60 2.90 12.27 -20.94
C GLY A 60 2.14 12.93 -22.09
N GLY A 61 1.30 13.89 -21.70
CA GLY A 61 0.44 14.61 -22.63
C GLY A 61 -0.88 13.86 -22.54
N HIS A 62 -1.02 12.82 -23.37
CA HIS A 62 -2.21 11.99 -23.35
C HIS A 62 -1.92 10.55 -22.82
N THR A 63 -0.80 9.94 -23.23
CA THR A 63 -0.51 8.59 -22.75
C THR A 63 0.96 8.08 -22.80
N SER A 64 1.14 6.83 -22.38
CA SER A 64 2.42 6.13 -22.31
C SER A 64 2.01 4.65 -22.23
N TYR A 65 2.93 3.72 -22.44
CA TYR A 65 2.58 2.31 -22.31
C TYR A 65 3.82 1.45 -22.33
N VAL A 66 3.67 0.25 -21.79
CA VAL A 66 4.79 -0.65 -21.73
C VAL A 66 4.27 -2.06 -22.01
N LEU A 67 5.13 -2.92 -22.53
CA LEU A 67 4.71 -4.29 -22.81
C LEU A 67 5.52 -5.21 -21.92
N HIS A 68 4.81 -6.05 -21.16
CA HIS A 68 5.43 -7.00 -20.23
C HIS A 68 5.30 -8.41 -20.77
N LYS A 69 6.33 -9.21 -20.55
CA LYS A 69 6.24 -10.61 -20.92
C LYS A 69 6.48 -11.34 -19.58
N ILE A 70 5.67 -12.36 -19.30
CA ILE A 70 5.86 -13.16 -18.09
C ILE A 70 6.86 -14.22 -18.45
N ASP A 71 8.00 -14.21 -17.78
CA ASP A 71 9.00 -15.18 -18.14
C ASP A 71 8.92 -16.47 -17.37
N ALA A 72 8.59 -16.39 -16.08
CA ALA A 72 8.53 -17.61 -15.31
C ALA A 72 7.68 -17.43 -14.10
N ILE A 73 6.96 -18.49 -13.72
CA ILE A 73 6.15 -18.52 -12.49
C ILE A 73 6.35 -19.87 -11.81
N ASP A 74 6.87 -19.82 -10.60
CA ASP A 74 7.11 -21.06 -9.89
C ASP A 74 6.49 -20.96 -8.52
N GLU A 75 5.30 -21.55 -8.37
CA GLU A 75 4.60 -21.55 -7.10
C GLU A 75 5.39 -22.24 -5.97
N ALA A 76 6.05 -23.38 -6.24
CA ALA A 76 6.81 -24.09 -5.20
C ALA A 76 7.89 -23.24 -4.56
N SER A 77 8.56 -22.37 -5.33
CA SER A 77 9.61 -21.55 -4.75
C SER A 77 9.29 -20.05 -4.67
N PHE A 78 8.04 -19.72 -4.99
CA PHE A 78 7.55 -18.36 -4.96
C PHE A 78 8.44 -17.43 -5.76
N GLU A 79 8.70 -17.82 -7.02
CA GLU A 79 9.51 -17.04 -7.95
C GLU A 79 8.58 -16.58 -9.07
N TYR A 80 8.73 -15.30 -9.42
CA TYR A 80 7.92 -14.70 -10.44
C TYR A 80 8.84 -13.77 -11.21
N ASN A 81 9.06 -14.05 -12.48
CA ASN A 81 9.92 -13.17 -13.28
C ASN A 81 9.18 -12.61 -14.48
N TYR A 82 9.32 -11.32 -14.73
CA TYR A 82 8.72 -10.73 -15.94
C TYR A 82 9.74 -9.74 -16.58
N SER A 83 9.54 -9.44 -17.87
CA SER A 83 10.38 -8.49 -18.62
C SER A 83 9.56 -7.41 -19.27
N ILE A 84 10.16 -6.23 -19.40
CA ILE A 84 9.55 -5.13 -20.11
C ILE A 84 10.25 -5.31 -21.44
N VAL A 85 9.49 -5.66 -22.49
CA VAL A 85 10.12 -5.93 -23.79
C VAL A 85 9.87 -4.82 -24.78
N GLY A 86 9.19 -3.76 -24.35
CA GLY A 86 8.96 -2.71 -25.31
C GLY A 86 7.98 -1.68 -24.86
N GLY A 87 7.75 -0.68 -25.71
CA GLY A 87 6.83 0.36 -25.34
C GLY A 87 7.61 1.61 -25.00
N THR A 88 6.96 2.74 -25.20
CA THR A 88 7.57 4.02 -24.93
C THR A 88 8.13 4.14 -23.50
N GLY A 89 7.66 3.27 -22.59
CA GLY A 89 8.17 3.30 -21.23
C GLY A 89 9.53 2.61 -21.09
N LEU A 90 10.04 1.96 -22.15
CA LEU A 90 11.35 1.28 -22.16
C LEU A 90 12.36 2.25 -22.82
N ASP A 91 13.36 2.65 -22.06
CA ASP A 91 14.32 3.61 -22.56
C ASP A 91 14.98 3.07 -23.77
N GLU A 92 15.36 3.97 -24.67
CA GLU A 92 16.00 3.66 -25.95
C GLU A 92 17.37 3.00 -25.87
N SER A 93 18.03 3.15 -24.74
CA SER A 93 19.35 2.58 -24.57
C SER A 93 19.31 1.13 -24.19
N LEU A 94 18.10 0.63 -23.95
CA LEU A 94 17.96 -0.75 -23.49
C LEU A 94 17.25 -1.72 -24.45
N GLU A 95 17.64 -3.00 -24.39
CA GLU A 95 16.99 -4.03 -25.20
C GLU A 95 15.74 -4.52 -24.46
N LYS A 96 15.88 -4.60 -23.15
CA LYS A 96 14.86 -5.03 -22.23
C LYS A 96 15.34 -4.93 -20.78
N ILE A 97 14.39 -4.99 -19.85
CA ILE A 97 14.69 -4.98 -18.43
C ILE A 97 13.98 -6.18 -17.87
N THR A 98 14.64 -6.93 -17.01
CA THR A 98 14.01 -8.11 -16.41
C THR A 98 13.93 -7.93 -14.90
N PHE A 99 12.79 -8.31 -14.33
CA PHE A 99 12.56 -8.27 -12.88
C PHE A 99 12.39 -9.68 -12.37
N GLU A 100 13.23 -10.10 -11.43
CA GLU A 100 13.14 -11.45 -10.89
C GLU A 100 12.80 -11.29 -9.43
N SER A 101 11.68 -11.88 -9.06
CA SER A 101 11.15 -11.80 -7.71
C SER A 101 11.09 -13.13 -7.04
N LYS A 102 11.51 -13.13 -5.79
CA LYS A 102 11.45 -14.35 -5.03
C LYS A 102 10.98 -13.98 -3.62
N LEU A 103 9.98 -14.72 -3.10
CA LEU A 103 9.46 -14.42 -1.77
C LEU A 103 9.99 -15.39 -0.77
N LEU A 104 10.90 -14.91 0.06
CA LEU A 104 11.53 -15.68 1.12
C LEU A 104 10.61 -15.55 2.31
N SER A 105 10.74 -16.44 3.29
CA SER A 105 9.84 -16.29 4.42
C SER A 105 10.52 -15.33 5.40
N GLY A 106 9.72 -14.47 6.03
CA GLY A 106 10.26 -13.51 6.96
C GLY A 106 9.73 -13.78 8.34
N PRO A 107 10.27 -13.10 9.37
CA PRO A 107 9.83 -13.29 10.75
C PRO A 107 8.32 -13.02 10.90
N ASP A 108 7.68 -13.75 11.79
CA ASP A 108 6.24 -13.60 12.04
C ASP A 108 5.33 -14.05 10.89
N GLY A 109 5.73 -15.10 10.18
CA GLY A 109 4.92 -15.55 9.05
C GLY A 109 4.84 -14.53 7.91
N GLY A 110 5.73 -13.54 7.91
CA GLY A 110 5.72 -12.55 6.85
C GLY A 110 6.50 -13.00 5.63
N SER A 111 6.92 -12.03 4.82
CA SER A 111 7.70 -12.31 3.61
C SER A 111 8.86 -11.37 3.52
N ILE A 112 9.78 -11.69 2.63
CA ILE A 112 10.92 -10.83 2.32
C ILE A 112 10.97 -11.02 0.81
N GLY A 113 10.61 -10.02 0.05
CA GLY A 113 10.65 -10.15 -1.39
C GLY A 113 12.01 -9.71 -1.91
N LYS A 114 12.73 -10.65 -2.51
CA LYS A 114 14.02 -10.36 -3.10
C LYS A 114 13.74 -10.04 -4.56
N ILE A 115 14.00 -8.80 -4.92
CA ILE A 115 13.78 -8.31 -6.27
C ILE A 115 15.10 -7.93 -6.96
N LYS A 116 15.43 -8.65 -8.03
CA LYS A 116 16.63 -8.39 -8.80
C LYS A 116 16.18 -7.80 -10.15
N VAL A 117 16.70 -6.63 -10.53
CA VAL A 117 16.35 -6.01 -11.81
C VAL A 117 17.58 -6.09 -12.68
N LYS A 118 17.41 -6.65 -13.88
CA LYS A 118 18.51 -6.82 -14.84
C LYS A 118 18.26 -5.92 -16.06
N PHE A 119 19.24 -5.07 -16.37
CA PHE A 119 19.12 -4.14 -17.47
C PHE A 119 19.95 -4.68 -18.61
N HIS A 120 19.31 -4.96 -19.74
CA HIS A 120 19.99 -5.44 -20.95
C HIS A 120 20.24 -4.22 -21.84
N THR A 121 21.47 -3.73 -21.76
CA THR A 121 21.84 -2.54 -22.50
C THR A 121 22.29 -2.85 -23.90
N LYS A 122 22.16 -1.86 -24.77
CA LYS A 122 22.59 -2.00 -26.14
C LYS A 122 24.12 -1.82 -26.14
N GLY A 123 24.61 -0.97 -25.25
CA GLY A 123 26.04 -0.73 -25.17
C GLY A 123 26.70 -1.08 -23.85
N ASP A 124 27.80 -0.40 -23.53
CA ASP A 124 28.52 -0.69 -22.30
C ASP A 124 28.19 0.19 -21.10
N VAL A 125 27.44 1.25 -21.34
CA VAL A 125 27.07 2.15 -20.26
C VAL A 125 25.55 2.11 -19.90
N LEU A 126 25.27 2.35 -18.61
CA LEU A 126 23.89 2.39 -18.10
C LEU A 126 23.69 3.76 -17.46
N SER A 127 22.73 4.53 -17.95
CA SER A 127 22.49 5.86 -17.39
C SER A 127 21.96 5.69 -15.97
N ASP A 128 22.40 6.58 -15.07
CA ASP A 128 21.94 6.58 -13.67
C ASP A 128 20.43 6.89 -13.64
N ALA A 129 20.00 7.93 -14.34
CA ALA A 129 18.59 8.24 -14.34
C ALA A 129 17.76 7.07 -14.89
N VAL A 130 18.25 6.38 -15.92
CA VAL A 130 17.50 5.25 -16.47
C VAL A 130 17.43 4.15 -15.44
N ARG A 131 18.53 3.88 -14.75
CA ARG A 131 18.51 2.84 -13.75
C ARG A 131 17.55 3.14 -12.59
N GLU A 132 17.62 4.35 -12.08
CA GLU A 132 16.78 4.74 -10.99
C GLU A 132 15.28 4.77 -11.30
N GLU A 133 14.93 5.30 -12.47
CA GLU A 133 13.53 5.37 -12.83
C GLU A 133 12.89 4.02 -12.99
N ALA A 134 13.56 3.10 -13.70
CA ALA A 134 13.03 1.76 -13.88
C ALA A 134 12.93 1.00 -12.54
N LYS A 135 13.88 1.16 -11.62
CA LYS A 135 13.81 0.46 -10.31
C LYS A 135 12.64 0.97 -9.53
N ALA A 136 12.42 2.27 -9.58
CA ALA A 136 11.31 2.84 -8.87
C ALA A 136 9.99 2.30 -9.43
N ARG A 137 9.86 2.32 -10.75
CA ARG A 137 8.64 1.84 -11.38
C ARG A 137 8.36 0.34 -11.02
N GLY A 138 9.39 -0.49 -11.06
CA GLY A 138 9.18 -1.89 -10.76
C GLY A 138 8.87 -2.11 -9.29
N THR A 139 9.49 -1.33 -8.40
CA THR A 139 9.27 -1.43 -6.96
C THR A 139 7.89 -0.90 -6.63
N GLY A 140 7.44 0.13 -7.35
CA GLY A 140 6.11 0.66 -7.12
C GLY A 140 4.96 -0.30 -7.36
N LEU A 141 5.09 -1.21 -8.37
CA LEU A 141 4.08 -2.24 -8.71
C LEU A 141 4.09 -3.28 -7.62
N PHE A 142 5.26 -3.61 -7.10
CA PHE A 142 5.33 -4.58 -6.02
C PHE A 142 4.59 -4.00 -4.81
N LYS A 143 4.89 -2.76 -4.44
CA LYS A 143 4.25 -2.06 -3.33
C LYS A 143 2.76 -1.88 -3.55
N ALA A 144 2.34 -1.56 -4.76
CA ALA A 144 0.90 -1.38 -5.01
C ALA A 144 0.16 -2.65 -4.66
N VAL A 145 0.70 -3.79 -5.09
CA VAL A 145 0.08 -5.06 -4.81
C VAL A 145 0.21 -5.47 -3.34
N GLU A 146 1.39 -5.29 -2.76
CA GLU A 146 1.53 -5.65 -1.36
C GLU A 146 0.67 -4.75 -0.50
N GLY A 147 0.71 -3.44 -0.72
CA GLY A 147 -0.14 -2.55 0.08
C GLY A 147 -1.65 -2.88 0.01
N TYR A 148 -2.11 -3.32 -1.15
CA TYR A 148 -3.49 -3.67 -1.33
C TYR A 148 -3.80 -4.88 -0.48
N VAL A 149 -2.96 -5.90 -0.55
CA VAL A 149 -3.19 -7.12 0.22
C VAL A 149 -3.16 -6.86 1.74
N LEU A 150 -2.30 -5.94 2.19
CA LEU A 150 -2.26 -5.60 3.61
C LEU A 150 -3.61 -4.99 3.97
N ALA A 151 -3.93 -3.86 3.36
CA ALA A 151 -5.18 -3.16 3.59
C ALA A 151 -6.47 -4.00 3.41
N ASN A 152 -6.40 -5.12 2.69
CA ASN A 152 -7.59 -5.94 2.47
C ASN A 152 -7.39 -7.37 2.91
N PRO A 153 -7.41 -7.61 4.24
CA PRO A 153 -7.21 -8.93 4.85
C PRO A 153 -7.68 -10.00 3.88
N ASN A 154 -8.99 -10.27 3.88
CA ASN A 154 -9.53 -11.27 2.97
C ASN A 154 -10.14 -10.59 1.76
N TYR A 155 -9.49 -10.79 0.61
CA TYR A 155 -9.94 -10.18 -0.66
C TYR A 155 -10.35 -11.27 -1.68
N GLY B 1 -10.98 2.01 32.66
CA GLY B 1 -9.53 2.36 32.52
C GLY B 1 -9.16 2.84 31.14
N VAL B 2 -7.90 3.16 30.94
CA VAL B 2 -7.41 3.57 29.63
C VAL B 2 -6.21 2.67 29.37
N PHE B 3 -6.28 1.84 28.32
CA PHE B 3 -5.18 0.94 27.96
C PHE B 3 -4.54 1.44 26.66
N ALA B 4 -3.23 1.70 26.72
CA ALA B 4 -2.49 2.23 25.58
C ALA B 4 -1.39 1.26 25.07
N PHE B 5 -1.43 0.99 23.75
CA PHE B 5 -0.50 0.12 23.07
C PHE B 5 0.08 0.99 21.97
N GLU B 6 1.37 0.81 21.75
CA GLU B 6 2.07 1.62 20.80
C GLU B 6 2.85 0.71 19.83
N ASP B 7 2.90 1.11 18.57
CA ASP B 7 3.63 0.37 17.54
C ASP B 7 4.34 1.38 16.62
N GLU B 8 5.45 0.95 16.02
CA GLU B 8 6.18 1.80 15.10
C GLU B 8 6.17 1.24 13.70
N HIS B 9 6.05 2.11 12.71
CA HIS B 9 6.01 1.67 11.34
C HIS B 9 6.94 2.47 10.44
N PRO B 10 8.10 1.90 10.05
CA PRO B 10 9.04 2.60 9.18
C PRO B 10 8.42 2.72 7.79
N SER B 11 8.72 3.81 7.09
CA SER B 11 8.18 4.03 5.76
C SER B 11 9.23 4.82 5.00
N ALA B 12 9.17 4.73 3.67
CA ALA B 12 10.10 5.42 2.79
C ALA B 12 9.53 6.74 2.32
N VAL B 13 8.25 6.98 2.64
CA VAL B 13 7.55 8.23 2.31
C VAL B 13 8.05 9.34 3.27
N ALA B 14 8.27 10.53 2.75
CA ALA B 14 8.75 11.62 3.60
C ALA B 14 7.64 12.09 4.50
N GLN B 15 8.01 12.50 5.70
CA GLN B 15 7.09 12.96 6.68
C GLN B 15 6.02 13.92 6.17
N ALA B 16 6.41 15.00 5.48
CA ALA B 16 5.45 16.00 4.98
C ALA B 16 4.44 15.46 3.95
N LYS B 17 4.91 14.51 3.13
CA LYS B 17 4.05 13.94 2.11
C LYS B 17 3.04 12.95 2.75
N LEU B 18 3.55 12.11 3.63
CA LEU B 18 2.68 11.14 4.29
C LEU B 18 1.67 11.87 5.21
N PHE B 19 2.11 12.95 5.87
CA PHE B 19 1.27 13.73 6.77
C PHE B 19 0.14 14.34 5.98
N LYS B 20 0.46 14.95 4.84
CA LYS B 20 -0.57 15.52 3.98
C LYS B 20 -1.60 14.46 3.60
N ALA B 21 -1.11 13.29 3.14
CA ALA B 21 -1.99 12.17 2.73
C ALA B 21 -2.97 11.77 3.86
N LEU B 22 -2.44 11.51 5.06
CA LEU B 22 -3.20 11.09 6.22
C LEU B 22 -4.26 12.07 6.69
N THR B 23 -3.95 13.37 6.65
CA THR B 23 -4.87 14.38 7.15
C THR B 23 -5.72 15.13 6.13
N LYS B 24 -5.36 15.14 4.85
CA LYS B 24 -6.14 15.88 3.85
C LYS B 24 -6.84 14.99 2.79
N ASP B 25 -6.14 13.94 2.38
CA ASP B 25 -6.67 13.09 1.34
C ASP B 25 -7.10 11.70 1.74
N SER B 26 -7.05 11.35 3.03
CA SER B 26 -7.45 10.00 3.38
C SER B 26 -8.90 9.65 3.04
N ASP B 27 -9.76 10.67 3.01
CA ASP B 27 -11.19 10.43 2.74
C ASP B 27 -11.43 9.85 1.35
N ASP B 28 -10.56 10.26 0.42
CA ASP B 28 -10.63 9.81 -0.97
C ASP B 28 -9.91 8.51 -1.17
N ILE B 29 -8.73 8.42 -0.57
CA ILE B 29 -7.89 7.24 -0.68
C ILE B 29 -8.51 6.02 -0.05
N ILE B 30 -8.85 6.11 1.23
CA ILE B 30 -9.36 4.95 1.94
C ILE B 30 -10.43 4.10 1.28
N PRO B 31 -11.51 4.71 0.69
CA PRO B 31 -12.55 3.88 0.04
C PRO B 31 -12.07 3.21 -1.29
N LYS B 32 -11.04 3.78 -1.91
CA LYS B 32 -10.47 3.20 -3.14
C LYS B 32 -9.63 1.96 -2.80
N VAL B 33 -8.77 2.10 -1.78
CA VAL B 33 -7.90 1.00 -1.40
C VAL B 33 -8.57 -0.11 -0.60
N ILE B 34 -9.38 0.26 0.37
CA ILE B 34 -10.03 -0.74 1.19
C ILE B 34 -11.39 -1.10 0.64
N GLU B 35 -11.46 -2.32 0.10
CA GLU B 35 -12.67 -2.90 -0.50
C GLU B 35 -13.96 -2.76 0.36
N GLN B 36 -13.94 -3.26 1.59
CA GLN B 36 -15.14 -3.15 2.37
C GLN B 36 -15.55 -1.77 2.89
N ILE B 37 -14.67 -0.78 2.89
CA ILE B 37 -15.08 0.56 3.33
C ILE B 37 -15.88 1.15 2.14
N GLN B 38 -17.20 1.26 2.32
CA GLN B 38 -18.10 1.77 1.28
C GLN B 38 -18.04 3.25 1.12
N SER B 39 -17.98 3.97 2.23
CA SER B 39 -17.93 5.42 2.10
C SER B 39 -17.46 6.12 3.36
N VAL B 40 -17.03 7.38 3.18
CA VAL B 40 -16.59 8.28 4.25
C VAL B 40 -17.42 9.57 4.06
N GLU B 41 -18.35 9.82 4.99
CA GLU B 41 -19.22 11.00 4.94
C GLU B 41 -18.88 11.99 6.04
N ILE B 42 -18.74 13.26 5.72
CA ILE B 42 -18.46 14.24 6.74
C ILE B 42 -19.79 14.57 7.41
N VAL B 43 -19.89 14.37 8.72
CA VAL B 43 -21.14 14.65 9.43
C VAL B 43 -21.20 16.12 9.81
N GLU B 44 -20.04 16.69 10.14
CA GLU B 44 -19.92 18.09 10.49
C GLU B 44 -18.46 18.56 10.46
N GLY B 45 -18.20 19.73 9.90
CA GLY B 45 -16.84 20.23 9.86
C GLY B 45 -16.26 20.25 8.45
N ASN B 46 -15.09 20.84 8.29
CA ASN B 46 -14.46 20.94 6.97
C ASN B 46 -13.26 20.03 6.78
N GLY B 47 -13.05 19.08 7.69
CA GLY B 47 -11.90 18.20 7.57
C GLY B 47 -10.85 18.51 8.66
N GLY B 48 -10.85 19.73 9.20
CA GLY B 48 -9.89 20.06 10.24
C GLY B 48 -10.24 19.51 11.61
N PRO B 49 -9.55 19.95 12.66
CA PRO B 49 -9.85 19.46 14.03
C PRO B 49 -11.32 19.65 14.40
N GLY B 50 -11.94 18.72 15.11
CA GLY B 50 -13.35 18.89 15.40
C GLY B 50 -14.31 18.27 14.36
N THR B 51 -13.85 18.03 13.13
CA THR B 51 -14.71 17.40 12.14
C THR B 51 -15.18 16.03 12.61
N VAL B 52 -16.40 15.68 12.30
CA VAL B 52 -16.94 14.39 12.65
C VAL B 52 -17.31 13.70 11.36
N LYS B 53 -16.83 12.47 11.23
CA LYS B 53 -17.02 11.63 10.03
C LYS B 53 -17.70 10.30 10.36
N LYS B 54 -18.43 9.76 9.40
CA LYS B 54 -19.10 8.49 9.59
C LYS B 54 -18.49 7.63 8.51
N ILE B 55 -17.86 6.56 8.94
CA ILE B 55 -17.25 5.66 8.02
C ILE B 55 -18.10 4.39 8.01
N THR B 56 -18.65 4.04 6.84
CA THR B 56 -19.47 2.84 6.71
C THR B 56 -18.67 1.73 5.99
N ALA B 57 -18.69 0.52 6.57
CA ALA B 57 -17.99 -0.65 6.03
C ALA B 57 -19.02 -1.71 5.67
N SER B 58 -18.58 -2.75 4.97
CA SER B 58 -19.47 -3.86 4.60
C SER B 58 -18.79 -5.23 4.44
N HIS B 59 -19.22 -6.18 5.28
CA HIS B 59 -18.72 -7.55 5.28
C HIS B 59 -19.78 -8.50 4.76
N GLY B 60 -19.58 -9.79 5.03
CA GLY B 60 -20.51 -10.84 4.62
C GLY B 60 -21.77 -10.20 4.08
N GLY B 61 -22.86 -10.17 4.85
CA GLY B 61 -24.04 -9.51 4.34
C GLY B 61 -24.28 -8.30 5.23
N HIS B 62 -23.43 -8.26 6.26
CA HIS B 62 -23.40 -7.32 7.36
C HIS B 62 -22.75 -5.92 7.20
N THR B 63 -23.54 -4.87 7.43
CA THR B 63 -23.02 -3.51 7.39
C THR B 63 -22.73 -3.07 8.85
N SER B 64 -21.86 -2.09 9.01
CA SER B 64 -21.48 -1.55 10.33
C SER B 64 -20.87 -0.18 10.04
N TYR B 65 -20.90 0.71 11.02
CA TYR B 65 -20.33 2.02 10.80
C TYR B 65 -19.70 2.47 12.07
N VAL B 66 -18.89 3.49 11.95
CA VAL B 66 -18.23 4.00 13.11
C VAL B 66 -18.17 5.53 12.92
N LEU B 67 -18.17 6.28 14.00
CA LEU B 67 -18.04 7.73 13.89
C LEU B 67 -16.64 8.19 14.34
N HIS B 68 -15.94 8.99 13.54
CA HIS B 68 -14.61 9.47 13.92
C HIS B 68 -14.66 10.98 14.21
N LYS B 69 -14.03 11.45 15.29
CA LYS B 69 -13.89 12.88 15.52
C LYS B 69 -12.36 13.16 15.32
N ILE B 70 -12.01 14.21 14.56
CA ILE B 70 -10.59 14.57 14.35
C ILE B 70 -10.25 15.40 15.59
N ASP B 71 -9.39 14.88 16.46
CA ASP B 71 -9.07 15.59 17.72
C ASP B 71 -8.04 16.67 17.58
N ALA B 72 -6.95 16.37 16.89
CA ALA B 72 -5.87 17.31 16.74
C ALA B 72 -5.11 17.06 15.47
N ILE B 73 -4.59 18.14 14.89
CA ILE B 73 -3.78 18.06 13.70
C ILE B 73 -2.73 19.15 13.90
N ASP B 74 -1.50 18.74 14.19
CA ASP B 74 -0.41 19.68 14.40
C ASP B 74 0.60 19.44 13.30
N GLU B 75 0.66 20.36 12.36
CA GLU B 75 1.60 20.18 11.27
C GLU B 75 3.09 20.27 11.65
N ALA B 76 3.47 21.17 12.55
CA ALA B 76 4.85 21.35 12.98
C ALA B 76 5.44 20.10 13.64
N SER B 77 4.64 19.40 14.43
CA SER B 77 5.15 18.21 15.08
C SER B 77 4.73 16.90 14.36
N PHE B 78 3.94 17.04 13.29
CA PHE B 78 3.43 15.89 12.53
C PHE B 78 2.60 14.91 13.40
N GLU B 79 1.68 15.49 14.14
CA GLU B 79 0.78 14.74 14.98
C GLU B 79 -0.66 14.84 14.43
N TYR B 80 -1.30 13.70 14.41
CA TYR B 80 -2.64 13.62 13.88
C TYR B 80 -3.36 12.67 14.80
N ASN B 81 -4.34 13.19 15.54
CA ASN B 81 -5.09 12.34 16.47
C ASN B 81 -6.57 12.31 16.16
N TYR B 82 -7.18 11.11 16.19
CA TYR B 82 -8.63 11.00 15.98
C TYR B 82 -9.20 9.97 16.96
N SER B 83 -10.50 10.06 17.20
CA SER B 83 -11.15 9.11 18.11
C SER B 83 -12.33 8.46 17.43
N ILE B 84 -12.64 7.24 17.87
CA ILE B 84 -13.80 6.55 17.37
C ILE B 84 -14.72 6.78 18.55
N VAL B 85 -15.78 7.55 18.33
CA VAL B 85 -16.68 7.91 19.43
C VAL B 85 -18.01 7.15 19.48
N GLY B 86 -18.33 6.39 18.44
CA GLY B 86 -19.59 5.65 18.45
C GLY B 86 -19.81 4.85 17.19
N GLY B 87 -20.86 4.06 17.18
CA GLY B 87 -21.13 3.30 16.00
C GLY B 87 -21.29 1.85 16.35
N THR B 88 -21.91 1.10 15.46
CA THR B 88 -22.14 -0.32 15.64
C THR B 88 -20.77 -0.99 15.55
N GLY B 89 -19.79 -0.29 14.97
CA GLY B 89 -18.44 -0.80 14.84
C GLY B 89 -17.56 -0.65 16.09
N LEU B 90 -18.04 0.11 17.08
CA LEU B 90 -17.35 0.32 18.37
C LEU B 90 -17.90 -0.74 19.34
N ASP B 91 -17.03 -1.55 19.95
CA ASP B 91 -17.51 -2.59 20.86
C ASP B 91 -18.22 -2.08 22.08
N GLU B 92 -19.21 -2.83 22.53
CA GLU B 92 -19.98 -2.48 23.72
C GLU B 92 -19.16 -2.30 25.01
N SER B 93 -17.97 -2.89 25.07
CA SER B 93 -17.14 -2.77 26.26
C SER B 93 -16.40 -1.44 26.30
N LEU B 94 -16.44 -0.68 25.19
CA LEU B 94 -15.70 0.59 25.12
C LEU B 94 -16.48 1.90 25.14
N GLU B 95 -15.85 2.93 25.69
CA GLU B 95 -16.45 4.29 25.69
C GLU B 95 -15.96 4.97 24.41
N LYS B 96 -14.70 4.69 24.06
CA LYS B 96 -14.12 5.22 22.85
C LYS B 96 -12.74 4.67 22.64
N ILE B 97 -12.19 4.91 21.45
CA ILE B 97 -10.83 4.50 21.13
C ILE B 97 -10.17 5.73 20.57
N THR B 98 -8.92 5.97 20.97
CA THR B 98 -8.21 7.13 20.47
C THR B 98 -6.90 6.68 19.81
N PHE B 99 -6.70 7.11 18.57
CA PHE B 99 -5.48 6.81 17.82
C PHE B 99 -4.65 8.08 17.82
N GLU B 100 -3.44 7.99 18.34
CA GLU B 100 -2.57 9.13 18.37
C GLU B 100 -1.47 8.74 17.43
N SER B 101 -1.27 9.55 16.40
CA SER B 101 -0.25 9.32 15.36
C SER B 101 0.79 10.41 15.31
N LYS B 102 2.03 9.99 15.16
CA LYS B 102 3.13 10.92 15.08
C LYS B 102 4.15 10.39 14.07
N LEU B 103 4.55 11.22 13.10
CA LEU B 103 5.55 10.82 12.10
C LEU B 103 6.92 11.35 12.52
N LEU B 104 7.83 10.44 12.88
CA LEU B 104 9.19 10.83 13.30
C LEU B 104 10.08 10.81 12.04
N SER B 105 11.27 11.42 12.08
CA SER B 105 12.21 11.40 10.94
C SER B 105 12.81 10.01 10.89
N GLY B 106 12.78 9.38 9.72
CA GLY B 106 13.37 8.07 9.62
C GLY B 106 14.62 8.20 8.75
N PRO B 107 15.33 7.09 8.49
CA PRO B 107 16.54 7.18 7.65
C PRO B 107 16.14 7.33 6.15
N ASP B 108 17.06 7.84 5.32
CA ASP B 108 16.76 8.02 3.91
C ASP B 108 15.70 9.10 3.64
N GLY B 109 15.55 10.08 4.53
CA GLY B 109 14.52 11.08 4.32
C GLY B 109 13.12 10.49 4.41
N GLY B 110 13.01 9.23 4.88
CA GLY B 110 11.71 8.59 5.03
C GLY B 110 11.10 8.91 6.40
N SER B 111 10.17 8.11 6.89
CA SER B 111 9.63 8.46 8.18
C SER B 111 9.32 7.27 9.05
N ILE B 112 8.96 7.52 10.30
CA ILE B 112 8.59 6.44 11.20
C ILE B 112 7.28 6.84 11.80
N GLY B 113 6.26 6.06 11.50
CA GLY B 113 4.94 6.33 12.03
C GLY B 113 4.78 5.62 13.37
N LYS B 114 4.69 6.38 14.45
CA LYS B 114 4.52 5.84 15.78
C LYS B 114 2.99 5.98 16.00
N ILE B 115 2.30 4.86 16.15
CA ILE B 115 0.87 4.90 16.36
C ILE B 115 0.53 4.35 17.74
N LYS B 116 -0.14 5.16 18.55
CA LYS B 116 -0.56 4.73 19.86
C LYS B 116 -2.09 4.56 19.91
N VAL B 117 -2.59 3.38 20.26
CA VAL B 117 -4.02 3.19 20.36
C VAL B 117 -4.39 3.18 21.83
N LYS B 118 -5.34 4.05 22.22
CA LYS B 118 -5.82 4.13 23.60
C LYS B 118 -7.27 3.64 23.67
N PHE B 119 -7.50 2.63 24.51
CA PHE B 119 -8.83 2.07 24.65
C PHE B 119 -9.41 2.60 25.93
N HIS B 120 -10.55 3.27 25.86
CA HIS B 120 -11.17 3.77 27.08
C HIS B 120 -12.28 2.80 27.36
N THR B 121 -12.01 1.94 28.32
CA THR B 121 -12.91 0.86 28.72
C THR B 121 -13.92 1.25 29.78
N LYS B 122 -15.08 0.64 29.71
CA LYS B 122 -16.13 0.91 30.70
C LYS B 122 -15.72 0.23 32.02
N GLY B 123 -15.09 -0.95 31.95
CA GLY B 123 -14.64 -1.64 33.15
C GLY B 123 -13.12 -1.69 33.32
N ASP B 124 -12.58 -2.67 34.04
CA ASP B 124 -11.13 -2.76 34.22
C ASP B 124 -10.39 -3.80 33.43
N VAL B 125 -11.09 -4.39 32.47
CA VAL B 125 -10.48 -5.39 31.60
C VAL B 125 -10.79 -5.06 30.14
N LEU B 126 -9.84 -5.41 29.28
CA LEU B 126 -9.94 -5.22 27.83
C LEU B 126 -9.81 -6.60 27.19
N SER B 127 -10.81 -6.97 26.43
CA SER B 127 -10.84 -8.27 25.76
C SER B 127 -9.75 -8.38 24.70
N ASP B 128 -9.12 -9.54 24.59
CA ASP B 128 -8.09 -9.70 23.56
C ASP B 128 -8.58 -9.53 22.13
N ALA B 129 -9.75 -10.11 21.83
CA ALA B 129 -10.33 -10.00 20.48
C ALA B 129 -10.60 -8.52 20.19
N VAL B 130 -11.20 -7.80 21.16
CA VAL B 130 -11.49 -6.38 20.98
C VAL B 130 -10.21 -5.56 20.74
N ARG B 131 -9.14 -5.85 21.49
CA ARG B 131 -7.89 -5.14 21.30
C ARG B 131 -7.26 -5.38 19.91
N GLU B 132 -7.17 -6.65 19.50
CA GLU B 132 -6.58 -6.96 18.21
C GLU B 132 -7.34 -6.44 16.97
N GLU B 133 -8.66 -6.57 16.96
CA GLU B 133 -9.45 -6.10 15.84
C GLU B 133 -9.27 -4.60 15.68
N ALA B 134 -9.39 -3.84 16.78
CA ALA B 134 -9.31 -2.37 16.67
C ALA B 134 -7.94 -1.91 16.19
N LYS B 135 -6.91 -2.57 16.72
CA LYS B 135 -5.51 -2.31 16.44
C LYS B 135 -5.22 -2.64 14.97
N ALA B 136 -5.81 -3.71 14.48
CA ALA B 136 -5.67 -4.09 13.09
C ALA B 136 -6.43 -3.10 12.22
N ARG B 137 -7.68 -2.82 12.52
CA ARG B 137 -8.44 -1.87 11.72
C ARG B 137 -7.66 -0.54 11.61
N GLY B 138 -7.15 -0.04 12.73
CA GLY B 138 -6.44 1.23 12.73
C GLY B 138 -5.13 1.24 12.00
N THR B 139 -4.40 0.12 12.05
CA THR B 139 -3.13 0.01 11.36
C THR B 139 -3.44 -0.11 9.87
N GLY B 140 -4.52 -0.81 9.55
CA GLY B 140 -4.94 -0.96 8.18
C GLY B 140 -5.20 0.38 7.48
N LEU B 141 -5.87 1.32 8.15
CA LEU B 141 -6.11 2.65 7.59
C LEU B 141 -4.81 3.40 7.33
N PHE B 142 -3.83 3.30 8.24
CA PHE B 142 -2.55 3.94 8.08
C PHE B 142 -1.80 3.33 6.88
N LYS B 143 -1.69 1.99 6.85
CA LYS B 143 -1.00 1.26 5.77
C LYS B 143 -1.67 1.43 4.41
N ALA B 144 -3.00 1.56 4.38
CA ALA B 144 -3.71 1.76 3.11
C ALA B 144 -3.32 3.11 2.49
N VAL B 145 -3.20 4.16 3.31
CA VAL B 145 -2.84 5.49 2.81
C VAL B 145 -1.36 5.55 2.43
N GLU B 146 -0.51 4.93 3.24
CA GLU B 146 0.93 4.90 2.98
C GLU B 146 1.20 4.14 1.68
N GLY B 147 0.61 2.96 1.52
CA GLY B 147 0.77 2.17 0.30
C GLY B 147 0.35 2.94 -0.94
N TYR B 148 -0.72 3.71 -0.82
CA TYR B 148 -1.22 4.51 -1.92
C TYR B 148 -0.22 5.61 -2.28
N VAL B 149 0.39 6.24 -1.30
CA VAL B 149 1.36 7.29 -1.65
C VAL B 149 2.65 6.75 -2.29
N LEU B 150 3.07 5.56 -1.88
CA LEU B 150 4.27 4.91 -2.44
C LEU B 150 4.02 4.53 -3.87
N ALA B 151 2.80 4.08 -4.15
CA ALA B 151 2.41 3.69 -5.49
C ALA B 151 2.14 4.91 -6.40
N ASN B 152 1.79 6.06 -5.83
CA ASN B 152 1.50 7.28 -6.60
C ASN B 152 2.29 8.48 -6.07
N PRO B 153 3.60 8.52 -6.37
CA PRO B 153 4.43 9.64 -5.89
C PRO B 153 3.73 11.01 -6.03
N ASN B 154 3.23 11.29 -7.25
CA ASN B 154 2.60 12.57 -7.53
C ASN B 154 1.11 12.62 -7.73
N TYR B 155 0.34 12.24 -6.72
CA TYR B 155 -1.13 12.28 -6.81
C TYR B 155 -1.61 13.75 -6.61
#